data_4U49
#
_entry.id   4U49
#
_cell.length_a   48.600
_cell.length_b   72.000
_cell.length_c   83.700
_cell.angle_alpha   90.00
_cell.angle_beta   101.30
_cell.angle_gamma   90.00
#
_symmetry.space_group_name_H-M   'P 1 21 1'
#
loop_
_entity.id
_entity.type
_entity.pdbx_description
1 polymer 'Pectate lyase'
2 non-polymer 'CALCIUM ION'
3 water water
#
_entity_poly.entity_id   1
_entity_poly.type   'polypeptide(L)'
_entity_poly.pdbx_seq_one_letter_code
;MFKYLTPIFLCTAAISFQAQADDTMLMLLKKDNATYLSWSTDAGNVVRQDVYRSTSSAQAGSEKIAELNSSDRTFTDLTA
NPQSDYWYWVDTVSGNNSVLKSNAASTAPAPLRAAPLKAASPECKAGAVIKDKTVDCGGITLGLSCSGDSDKQPPVITLE
NATIKNLRISEKGGSDGIHCKSGNCRIENVIWEDICEDAATNLGKTMTIVGGVAHNTTNGPGGKPDKVLQQNAKNSHTIV
QGNFTLTGQHGKLWRSCGDCTNNGGPRNLTIISATVNGTIDSIAGVNRNFGDVAEIRDLRIKGYKEGKPPVCEEFNGVEK
GKGKSDKYGEFWDTKNCKVSRSNVKPL
;
_entity_poly.pdbx_strand_id   A,B
#
loop_
_chem_comp.id
_chem_comp.type
_chem_comp.name
_chem_comp.formula
CA non-polymer 'CALCIUM ION' 'Ca 2'
#
# COMPACT_ATOMS: atom_id res chain seq x y z
N ASP A 22 -25.07 20.79 -3.40
CA ASP A 22 -23.84 20.32 -4.03
C ASP A 22 -23.46 21.18 -5.22
N ASP A 23 -22.16 21.26 -5.50
CA ASP A 23 -21.67 21.96 -6.68
C ASP A 23 -20.44 21.25 -7.24
N THR A 24 -20.30 21.33 -8.56
CA THR A 24 -19.09 20.88 -9.22
C THR A 24 -18.46 22.09 -9.90
N MET A 25 -17.20 22.37 -9.56
CA MET A 25 -16.48 23.48 -10.16
C MET A 25 -15.59 22.99 -11.29
N LEU A 26 -15.91 23.40 -12.51
CA LEU A 26 -15.14 23.01 -13.69
C LEU A 26 -14.24 24.15 -14.17
N MET A 27 -12.97 23.83 -14.40
CA MET A 27 -12.02 24.76 -14.98
C MET A 27 -11.37 24.12 -16.21
N LEU A 28 -10.78 24.93 -17.08
CA LEU A 28 -10.10 24.36 -18.23
C LEU A 28 -8.78 25.04 -18.56
N LEU A 29 -7.96 24.33 -19.32
CA LEU A 29 -6.72 24.85 -19.85
C LEU A 29 -6.61 24.48 -21.32
N LYS A 30 -6.70 25.47 -22.20
CA LYS A 30 -6.49 25.24 -23.62
C LYS A 30 -5.02 25.52 -23.93
N LYS A 31 -4.26 24.44 -24.16
CA LYS A 31 -2.81 24.52 -24.19
C LYS A 31 -2.24 23.26 -24.82
N ASP A 32 -1.07 23.39 -25.46
CA ASP A 32 -0.36 22.26 -26.04
C ASP A 32 -1.22 21.46 -27.03
N ASN A 33 -1.97 22.19 -27.86
CA ASN A 33 -2.82 21.60 -28.89
C ASN A 33 -3.88 20.64 -28.33
N ALA A 34 -4.45 21.02 -27.20
CA ALA A 34 -5.49 20.23 -26.55
C ALA A 34 -6.29 21.11 -25.60
N THR A 35 -7.45 20.64 -25.18
CA THR A 35 -8.21 21.32 -24.14
C THR A 35 -8.39 20.38 -22.95
N TYR A 36 -7.82 20.79 -21.81
CA TYR A 36 -7.88 19.98 -20.61
C TYR A 36 -8.99 20.46 -19.68
N LEU A 37 -9.83 19.52 -19.26
CA LEU A 37 -10.86 19.80 -18.28
C LEU A 37 -10.42 19.30 -16.92
N SER A 38 -10.70 20.06 -15.88
CA SER A 38 -10.40 19.63 -14.52
C SER A 38 -11.48 20.14 -13.60
N TRP A 39 -11.92 19.31 -12.65
CA TRP A 39 -13.01 19.73 -11.78
C TRP A 39 -12.91 19.16 -10.38
N SER A 40 -13.60 19.81 -9.45
CA SER A 40 -13.80 19.26 -8.12
C SER A 40 -15.28 19.18 -7.85
N THR A 41 -15.70 18.14 -7.14
CA THR A 41 -17.10 17.98 -6.79
C THR A 41 -17.21 17.53 -5.34
N ASP A 42 -18.29 17.91 -4.67
CA ASP A 42 -18.53 17.46 -3.32
C ASP A 42 -19.77 16.59 -3.28
N ALA A 43 -20.32 16.30 -4.46
CA ALA A 43 -21.42 15.35 -4.58
C ALA A 43 -20.93 13.99 -4.10
N GLY A 44 -21.63 13.40 -3.15
CA GLY A 44 -21.23 12.13 -2.59
C GLY A 44 -21.76 10.97 -3.40
N ASN A 45 -21.08 9.83 -3.30
CA ASN A 45 -21.61 8.56 -3.81
C ASN A 45 -21.79 8.56 -5.33
N VAL A 46 -20.79 9.06 -6.06
CA VAL A 46 -20.93 9.18 -7.51
C VAL A 46 -20.62 7.84 -8.20
N VAL A 47 -21.33 7.57 -9.29
CA VAL A 47 -21.15 6.31 -9.99
C VAL A 47 -20.76 6.51 -11.45
N ARG A 48 -21.04 7.70 -11.97
CA ARG A 48 -20.70 8.01 -13.36
C ARG A 48 -20.54 9.53 -13.56
N GLN A 49 -19.76 9.91 -14.56
CA GLN A 49 -19.60 11.31 -14.92
C GLN A 49 -19.68 11.49 -16.43
N ASP A 50 -20.36 12.54 -16.88
CA ASP A 50 -20.54 12.80 -18.31
C ASP A 50 -19.93 14.14 -18.72
N VAL A 51 -19.26 14.15 -19.86
CA VAL A 51 -18.63 15.38 -20.37
C VAL A 51 -19.40 15.94 -21.57
N TYR A 52 -19.74 17.22 -21.49
CA TYR A 52 -20.48 17.89 -22.56
C TYR A 52 -19.69 19.04 -23.16
N ARG A 53 -19.86 19.24 -24.46
CA ARG A 53 -19.20 20.32 -25.19
C ARG A 53 -20.20 21.03 -26.09
N SER A 54 -20.14 22.36 -26.14
CA SER A 54 -21.02 23.14 -27.02
C SER A 54 -20.77 22.79 -28.49
N THR A 55 -21.74 23.06 -29.35
CA THR A 55 -21.56 22.86 -30.79
C THR A 55 -21.60 24.18 -31.56
N ALA A 60 -29.76 20.66 -28.53
CA ALA A 60 -28.81 20.93 -29.61
C ALA A 60 -27.83 22.05 -29.26
N GLY A 61 -27.81 22.47 -28.00
CA GLY A 61 -26.87 23.47 -27.54
C GLY A 61 -25.53 22.90 -27.08
N SER A 62 -25.49 21.58 -26.88
CA SER A 62 -24.25 20.91 -26.49
C SER A 62 -24.36 19.44 -26.86
N GLU A 63 -23.23 18.74 -26.86
CA GLU A 63 -23.23 17.31 -27.13
C GLU A 63 -22.35 16.59 -26.12
N LYS A 64 -22.77 15.38 -25.74
CA LYS A 64 -21.98 14.54 -24.84
C LYS A 64 -20.80 13.94 -25.60
N ILE A 65 -19.58 14.25 -25.16
CA ILE A 65 -18.40 13.77 -25.87
C ILE A 65 -17.64 12.69 -25.11
N ALA A 66 -18.07 12.39 -23.89
CA ALA A 66 -17.41 11.36 -23.08
C ALA A 66 -18.25 10.89 -21.90
N GLU A 67 -18.12 9.60 -21.60
CA GLU A 67 -18.72 9.01 -20.42
C GLU A 67 -17.60 8.42 -19.58
N LEU A 68 -17.49 8.86 -18.32
CA LEU A 68 -16.32 8.56 -17.50
C LEU A 68 -16.63 7.73 -16.27
N ASN A 69 -15.58 7.19 -15.65
CA ASN A 69 -15.73 6.49 -14.38
C ASN A 69 -16.13 7.46 -13.27
N SER A 70 -16.16 6.96 -12.04
CA SER A 70 -16.62 7.76 -10.92
C SER A 70 -15.51 8.59 -10.29
N SER A 71 -14.27 8.26 -10.59
CA SER A 71 -13.14 8.81 -9.83
C SER A 71 -12.30 9.86 -10.56
N ASP A 72 -12.34 9.85 -11.89
CA ASP A 72 -11.59 10.85 -12.67
C ASP A 72 -12.07 12.26 -12.35
N ARG A 73 -11.13 13.20 -12.27
CA ARG A 73 -11.48 14.60 -12.07
C ARG A 73 -10.87 15.47 -13.15
N THR A 74 -10.41 14.82 -14.22
CA THR A 74 -9.93 15.52 -15.41
C THR A 74 -10.40 14.83 -16.69
N PHE A 75 -10.31 15.54 -17.80
CA PHE A 75 -10.55 14.98 -19.11
C PHE A 75 -9.76 15.73 -20.16
N THR A 76 -9.21 15.00 -21.12
CA THR A 76 -8.45 15.61 -22.21
C THR A 76 -9.24 15.55 -23.52
N ASP A 77 -9.58 16.73 -24.06
CA ASP A 77 -10.32 16.80 -25.31
C ASP A 77 -9.36 17.04 -26.48
N LEU A 78 -9.25 16.04 -27.35
CA LEU A 78 -8.36 16.13 -28.51
C LEU A 78 -9.13 16.30 -29.82
N THR A 79 -10.45 16.38 -29.73
CA THR A 79 -11.28 16.39 -30.94
C THR A 79 -11.88 17.77 -31.25
N ALA A 80 -11.63 18.73 -30.37
CA ALA A 80 -12.19 20.07 -30.55
C ALA A 80 -11.48 20.84 -31.66
N ASN A 81 -12.21 21.68 -32.36
CA ASN A 81 -11.64 22.56 -33.38
C ASN A 81 -10.75 23.62 -32.73
N PRO A 82 -9.44 23.59 -33.04
CA PRO A 82 -8.46 24.51 -32.45
C PRO A 82 -8.79 25.99 -32.64
N GLN A 83 -9.45 26.32 -33.74
CA GLN A 83 -9.76 27.72 -34.05
C GLN A 83 -11.01 28.22 -33.34
N SER A 84 -11.83 27.30 -32.83
CA SER A 84 -13.10 27.66 -32.23
C SER A 84 -13.01 27.86 -30.73
N ASP A 85 -13.91 28.68 -30.18
CA ASP A 85 -14.09 28.79 -28.74
C ASP A 85 -15.19 27.83 -28.32
N TYR A 86 -15.03 27.18 -27.18
CA TYR A 86 -16.00 26.20 -26.71
C TYR A 86 -16.48 26.44 -25.29
N TRP A 87 -17.66 25.93 -24.98
CA TRP A 87 -18.13 25.83 -23.61
C TRP A 87 -18.16 24.36 -23.22
N TYR A 88 -17.88 24.07 -21.96
CA TYR A 88 -17.88 22.69 -21.47
C TYR A 88 -18.70 22.56 -20.20
N TRP A 89 -19.24 21.36 -19.99
CA TRP A 89 -19.91 20.99 -18.74
C TRP A 89 -19.51 19.57 -18.35
N VAL A 90 -19.46 19.30 -17.04
CA VAL A 90 -19.40 17.91 -16.59
C VAL A 90 -20.63 17.62 -15.70
N ASP A 91 -21.26 16.48 -15.94
CA ASP A 91 -22.38 16.03 -15.13
C ASP A 91 -21.93 14.86 -14.28
N THR A 92 -22.25 14.89 -12.99
CA THR A 92 -21.97 13.73 -12.15
C THR A 92 -23.27 13.01 -11.81
N VAL A 93 -23.23 11.68 -11.87
CA VAL A 93 -24.39 10.88 -11.54
C VAL A 93 -24.12 10.13 -10.24
N SER A 94 -25.00 10.30 -9.26
CA SER A 94 -24.83 9.67 -7.95
C SER A 94 -25.70 8.44 -7.80
N GLY A 95 -25.50 7.71 -6.71
CA GLY A 95 -26.23 6.47 -6.47
C GLY A 95 -27.72 6.66 -6.26
N ASN A 96 -28.11 7.85 -5.81
CA ASN A 96 -29.53 8.17 -5.65
C ASN A 96 -30.13 8.65 -6.97
N ASN A 97 -29.38 8.43 -8.05
CA ASN A 97 -29.78 8.78 -9.42
C ASN A 97 -29.82 10.28 -9.72
N SER A 98 -29.43 11.10 -8.75
CA SER A 98 -29.41 12.54 -8.96
C SER A 98 -28.26 12.93 -9.89
N VAL A 99 -28.54 13.85 -10.80
CA VAL A 99 -27.53 14.33 -11.74
C VAL A 99 -27.19 15.78 -11.43
N LEU A 100 -25.91 16.03 -11.17
CA LEU A 100 -25.43 17.36 -10.83
C LEU A 100 -24.61 17.94 -11.98
N LYS A 101 -25.04 19.09 -12.49
CA LYS A 101 -24.32 19.75 -13.57
C LYS A 101 -23.34 20.77 -13.03
N SER A 102 -22.14 20.79 -13.62
CA SER A 102 -21.14 21.79 -13.24
C SER A 102 -21.50 23.15 -13.79
N ASN A 103 -20.72 24.16 -13.42
CA ASN A 103 -20.75 25.43 -14.12
C ASN A 103 -20.33 25.22 -15.57
N ALA A 104 -20.78 26.11 -16.45
CA ALA A 104 -20.25 26.14 -17.80
C ALA A 104 -18.85 26.74 -17.76
N ALA A 105 -17.91 26.08 -18.45
CA ALA A 105 -16.55 26.58 -18.54
C ALA A 105 -16.24 26.94 -19.98
N SER A 106 -15.70 28.13 -20.20
CA SER A 106 -15.40 28.61 -21.54
C SER A 106 -13.90 28.66 -21.82
N THR A 107 -13.53 28.32 -23.04
CA THR A 107 -12.13 28.42 -23.48
C THR A 107 -11.78 29.88 -23.74
N ALA A 108 -12.81 30.70 -23.93
CA ALA A 108 -12.64 32.14 -24.11
C ALA A 108 -12.90 32.85 -22.79
N PRO A 109 -12.30 34.04 -22.60
CA PRO A 109 -12.52 34.76 -21.34
C PRO A 109 -13.94 35.31 -21.23
N ALA A 110 -14.30 35.75 -20.02
CA ALA A 110 -15.63 36.28 -19.76
C ALA A 110 -15.81 37.67 -20.35
N ALA A 119 -17.00 34.99 -4.92
CA ALA A 119 -17.14 33.54 -4.89
C ALA A 119 -15.94 32.87 -4.22
N ALA A 120 -14.78 33.50 -4.36
CA ALA A 120 -13.54 32.95 -3.80
C ALA A 120 -13.46 33.24 -2.31
N SER A 121 -12.96 32.28 -1.54
CA SER A 121 -12.70 32.49 -0.11
C SER A 121 -11.72 33.63 0.10
N PRO A 122 -11.95 34.45 1.14
CA PRO A 122 -11.07 35.58 1.43
C PRO A 122 -9.63 35.17 1.72
N GLU A 123 -9.44 33.91 2.12
CA GLU A 123 -8.10 33.43 2.44
C GLU A 123 -7.32 33.03 1.19
N CYS A 124 -8.00 32.98 0.04
CA CYS A 124 -7.35 32.69 -1.23
C CYS A 124 -6.51 33.88 -1.70
N LYS A 125 -5.32 34.03 -1.14
CA LYS A 125 -4.42 35.10 -1.52
C LYS A 125 -3.03 34.53 -1.83
N ALA A 126 -2.29 35.22 -2.68
CA ALA A 126 -0.93 34.79 -3.00
C ALA A 126 -0.06 34.84 -1.75
N GLY A 127 0.60 33.73 -1.46
CA GLY A 127 1.48 33.63 -0.31
C GLY A 127 0.77 33.26 0.99
N ALA A 128 -0.52 32.98 0.89
CA ALA A 128 -1.33 32.69 2.07
C ALA A 128 -0.88 31.43 2.82
N VAL A 129 -1.07 31.45 4.13
CA VAL A 129 -0.87 30.26 4.95
C VAL A 129 -2.22 29.84 5.52
N ILE A 130 -2.68 28.67 5.11
CA ILE A 130 -4.02 28.19 5.45
C ILE A 130 -3.92 26.98 6.38
N LYS A 131 -4.60 27.06 7.52
CA LYS A 131 -4.48 26.04 8.56
C LYS A 131 -5.80 25.41 8.97
N ASP A 132 -5.81 24.08 9.06
CA ASP A 132 -6.92 23.31 9.63
C ASP A 132 -8.28 23.67 9.05
N LYS A 133 -8.34 23.86 7.73
CA LYS A 133 -9.60 24.17 7.08
C LYS A 133 -9.53 23.91 5.58
N THR A 134 -10.69 23.96 4.93
CA THR A 134 -10.79 23.79 3.49
C THR A 134 -11.15 25.13 2.85
N VAL A 135 -10.39 25.52 1.83
CA VAL A 135 -10.59 26.82 1.20
C VAL A 135 -10.86 26.67 -0.31
N ASP A 136 -11.94 27.29 -0.77
CA ASP A 136 -12.36 27.23 -2.17
C ASP A 136 -12.00 28.53 -2.88
N CYS A 137 -11.04 28.48 -3.80
CA CYS A 137 -10.57 29.69 -4.46
C CYS A 137 -11.45 30.08 -5.66
N GLY A 138 -12.48 29.29 -5.92
CA GLY A 138 -13.48 29.64 -6.92
C GLY A 138 -12.95 29.86 -8.32
N GLY A 139 -11.79 29.29 -8.62
CA GLY A 139 -11.23 29.35 -9.96
C GLY A 139 -10.41 30.58 -10.26
N ILE A 140 -10.10 31.39 -9.26
CA ILE A 140 -9.29 32.58 -9.50
C ILE A 140 -7.85 32.20 -9.79
N THR A 141 -7.08 33.16 -10.26
CA THR A 141 -5.67 32.95 -10.54
C THR A 141 -4.82 33.63 -9.47
N LEU A 142 -3.84 32.90 -8.95
CA LEU A 142 -2.90 33.46 -7.98
C LEU A 142 -1.48 33.21 -8.43
N GLY A 143 -0.56 34.05 -7.99
CA GLY A 143 0.84 33.88 -8.32
C GLY A 143 1.72 34.91 -7.64
N LEU A 144 2.99 34.57 -7.48
CA LEU A 144 3.98 35.52 -6.99
C LEU A 144 4.89 35.88 -8.17
N SER A 145 6.11 35.36 -8.17
CA SER A 145 7.00 35.53 -9.31
C SER A 145 7.64 34.19 -9.68
N CYS A 146 8.66 34.24 -10.53
CA CYS A 146 9.44 33.03 -10.85
C CYS A 146 10.88 33.43 -11.15
N SER A 147 11.77 33.08 -10.23
CA SER A 147 13.16 33.54 -10.28
C SER A 147 13.93 33.04 -11.49
N GLY A 148 13.95 31.72 -11.67
CA GLY A 148 14.76 31.12 -12.72
C GLY A 148 16.07 30.61 -12.14
N ASP A 149 16.30 30.94 -10.87
CA ASP A 149 17.45 30.42 -10.14
C ASP A 149 17.09 29.14 -9.41
N SER A 150 18.07 28.48 -8.81
CA SER A 150 17.86 27.17 -8.20
C SER A 150 17.46 27.24 -6.73
N ASP A 151 17.75 28.37 -6.09
CA ASP A 151 17.45 28.54 -4.67
C ASP A 151 15.95 28.46 -4.39
N LYS A 152 15.59 28.16 -3.15
CA LYS A 152 14.19 27.97 -2.76
C LYS A 152 13.39 29.25 -2.93
N GLN A 153 12.26 29.13 -3.64
CA GLN A 153 11.37 30.26 -3.85
C GLN A 153 10.16 30.14 -2.92
N PRO A 154 9.48 31.25 -2.63
CA PRO A 154 8.32 31.17 -1.74
C PRO A 154 7.16 30.41 -2.36
N PRO A 155 6.44 29.63 -1.54
CA PRO A 155 5.23 28.97 -2.04
C PRO A 155 4.12 29.97 -2.33
N VAL A 156 3.34 29.73 -3.37
CA VAL A 156 2.17 30.56 -3.66
C VAL A 156 1.11 30.29 -2.59
N ILE A 157 1.07 29.06 -2.11
CA ILE A 157 0.14 28.67 -1.05
C ILE A 157 0.82 27.70 -0.09
N THR A 158 0.66 27.95 1.21
CA THR A 158 1.12 27.01 2.23
C THR A 158 -0.09 26.40 2.95
N LEU A 159 -0.10 25.08 3.03
CA LEU A 159 -1.18 24.36 3.69
C LEU A 159 -0.67 23.70 4.96
N GLU A 160 -1.31 23.98 6.08
CA GLU A 160 -1.03 23.29 7.32
C GLU A 160 -2.25 22.50 7.75
N ASN A 161 -2.23 21.19 7.49
CA ASN A 161 -3.37 20.32 7.76
C ASN A 161 -4.62 20.88 7.10
N ALA A 162 -4.50 21.29 5.84
CA ALA A 162 -5.55 22.06 5.17
C ALA A 162 -5.78 21.63 3.72
N THR A 163 -6.90 22.06 3.16
CA THR A 163 -7.27 21.72 1.80
C THR A 163 -7.50 22.97 0.97
N ILE A 164 -7.01 22.97 -0.28
CA ILE A 164 -7.29 24.06 -1.18
C ILE A 164 -7.87 23.49 -2.47
N LYS A 165 -8.86 24.17 -3.03
CA LYS A 165 -9.48 23.69 -4.27
C LYS A 165 -9.82 24.81 -5.25
N ASN A 166 -9.91 24.43 -6.52
CA ASN A 166 -10.33 25.32 -7.60
C ASN A 166 -9.45 26.56 -7.72
N LEU A 167 -8.18 26.34 -8.05
CA LEU A 167 -7.20 27.43 -8.11
C LEU A 167 -6.35 27.34 -9.36
N ARG A 168 -6.05 28.50 -9.94
CA ARG A 168 -5.12 28.58 -11.04
C ARG A 168 -3.85 29.27 -10.57
N ILE A 169 -2.71 28.63 -10.77
CA ILE A 169 -1.43 29.25 -10.46
C ILE A 169 -0.87 29.83 -11.75
N SER A 170 -0.57 31.13 -11.72
CA SER A 170 -0.27 31.87 -12.94
C SER A 170 1.02 31.40 -13.61
N GLU A 171 1.12 31.71 -14.90
CA GLU A 171 2.27 31.36 -15.70
C GLU A 171 3.54 32.07 -15.23
N LYS A 172 3.39 33.33 -14.82
CA LYS A 172 4.55 34.14 -14.46
C LYS A 172 4.84 34.13 -12.97
N GLY A 173 3.92 33.59 -12.17
CA GLY A 173 4.08 33.61 -10.72
C GLY A 173 4.09 32.25 -10.06
N GLY A 174 4.56 31.25 -10.80
CA GLY A 174 4.58 29.88 -10.31
C GLY A 174 5.35 29.69 -9.00
N SER A 175 6.43 30.45 -8.84
CA SER A 175 7.27 30.40 -7.65
C SER A 175 7.58 28.96 -7.23
N ASP A 176 7.26 28.58 -5.99
CA ASP A 176 7.42 27.18 -5.60
C ASP A 176 6.07 26.53 -5.30
N GLY A 177 5.06 26.89 -6.07
CA GLY A 177 3.77 26.21 -6.04
C GLY A 177 3.09 26.12 -4.69
N ILE A 178 2.58 24.93 -4.38
CA ILE A 178 1.83 24.70 -3.15
C ILE A 178 2.58 23.80 -2.19
N HIS A 179 2.72 24.25 -0.94
CA HIS A 179 3.42 23.47 0.07
C HIS A 179 2.46 22.88 1.10
N CYS A 180 2.57 21.58 1.34
CA CYS A 180 1.97 20.97 2.52
C CYS A 180 3.00 20.96 3.63
N LYS A 181 2.86 21.87 4.58
CA LYS A 181 3.84 22.04 5.64
C LYS A 181 3.66 21.03 6.78
N SER A 182 2.42 20.66 7.06
CA SER A 182 2.14 19.75 8.17
C SER A 182 0.79 19.04 8.04
N GLY A 183 0.64 17.98 8.82
CA GLY A 183 -0.61 17.23 8.88
C GLY A 183 -0.98 16.60 7.56
N ASN A 184 -2.28 16.54 7.28
CA ASN A 184 -2.76 16.01 6.01
C ASN A 184 -3.27 17.15 5.13
N CYS A 185 -2.75 17.23 3.90
CA CYS A 185 -3.16 18.26 2.97
C CYS A 185 -3.81 17.67 1.72
N ARG A 186 -4.79 18.40 1.18
CA ARG A 186 -5.39 18.03 -0.09
C ARG A 186 -5.31 19.19 -1.06
N ILE A 187 -5.01 18.86 -2.32
CA ILE A 187 -4.84 19.85 -3.38
C ILE A 187 -5.78 19.46 -4.52
N GLU A 188 -6.95 20.06 -4.55
CA GLU A 188 -8.02 19.59 -5.43
C GLU A 188 -8.32 20.55 -6.57
N ASN A 189 -8.24 20.06 -7.80
CA ASN A 189 -8.53 20.87 -8.98
C ASN A 189 -7.72 22.16 -9.02
N VAL A 190 -6.41 22.00 -9.05
CA VAL A 190 -5.51 23.13 -9.25
C VAL A 190 -4.90 23.02 -10.64
N ILE A 191 -4.83 24.14 -11.35
CA ILE A 191 -4.18 24.18 -12.64
C ILE A 191 -2.90 25.03 -12.57
N TRP A 192 -1.76 24.37 -12.77
CA TRP A 192 -0.48 25.04 -12.89
C TRP A 192 -0.24 25.42 -14.35
N GLU A 193 -0.40 26.70 -14.67
CA GLU A 193 -0.26 27.15 -16.06
C GLU A 193 1.17 27.01 -16.56
N ASP A 194 2.12 27.06 -15.64
CA ASP A 194 3.52 26.83 -15.96
C ASP A 194 4.31 26.61 -14.67
N ILE A 195 4.73 25.38 -14.43
CA ILE A 195 5.50 25.05 -13.25
C ILE A 195 6.79 25.86 -13.21
N CYS A 196 7.03 26.54 -12.09
CA CYS A 196 8.27 27.28 -11.90
C CYS A 196 9.31 26.36 -11.25
N GLU A 197 9.37 26.35 -9.91
CA GLU A 197 10.31 25.48 -9.22
C GLU A 197 9.73 24.08 -9.04
N ASP A 198 8.69 23.97 -8.23
CA ASP A 198 7.93 22.73 -8.08
C ASP A 198 6.45 23.03 -8.26
N ALA A 199 5.66 21.99 -8.52
CA ALA A 199 4.21 22.16 -8.54
C ALA A 199 3.68 22.06 -7.11
N ALA A 200 4.15 21.04 -6.40
CA ALA A 200 3.72 20.82 -5.02
C ALA A 200 4.84 20.17 -4.21
N THR A 201 4.89 20.52 -2.93
CA THR A 201 5.96 20.05 -2.05
C THR A 201 5.37 19.55 -0.74
N ASN A 202 5.72 18.31 -0.36
CA ASN A 202 5.13 17.71 0.83
C ASN A 202 6.10 17.57 2.00
N LEU A 203 5.75 18.22 3.12
CA LEU A 203 6.50 18.09 4.36
C LEU A 203 5.64 17.44 5.45
N GLY A 204 4.36 17.25 5.14
CA GLY A 204 3.41 16.75 6.12
C GLY A 204 3.32 15.24 6.18
N LYS A 205 2.23 14.76 6.76
CA LYS A 205 1.97 13.32 6.88
C LYS A 205 1.51 12.77 5.53
N THR A 206 0.48 13.39 4.97
CA THR A 206 -0.05 12.99 3.68
C THR A 206 -0.39 14.23 2.86
N MET A 207 0.02 14.21 1.59
CA MET A 207 -0.40 15.24 0.65
C MET A 207 -1.10 14.58 -0.53
N THR A 208 -2.37 14.91 -0.71
CA THR A 208 -3.19 14.27 -1.73
C THR A 208 -3.58 15.23 -2.84
N ILE A 209 -3.16 14.94 -4.06
CA ILE A 209 -3.52 15.74 -5.22
C ILE A 209 -4.71 15.10 -5.94
N VAL A 210 -5.79 15.86 -6.08
CA VAL A 210 -7.01 15.32 -6.67
C VAL A 210 -7.36 16.05 -7.95
N GLY A 211 -7.21 15.36 -9.08
CA GLY A 211 -7.37 16.01 -10.37
C GLY A 211 -6.31 17.09 -10.54
N GLY A 212 -6.60 18.07 -11.38
CA GLY A 212 -5.66 19.15 -11.62
C GLY A 212 -4.88 18.92 -12.90
N VAL A 213 -4.28 20.00 -13.41
CA VAL A 213 -3.50 19.95 -14.64
C VAL A 213 -2.24 20.79 -14.45
N ALA A 214 -1.08 20.23 -14.78
CA ALA A 214 0.17 20.95 -14.62
C ALA A 214 0.97 21.01 -15.93
N HIS A 215 1.15 22.22 -16.44
CA HIS A 215 1.91 22.42 -17.66
C HIS A 215 3.36 22.78 -17.35
N ASN A 216 4.28 22.28 -18.16
CA ASN A 216 5.70 22.61 -18.02
C ASN A 216 6.37 22.74 -19.39
N THR A 217 7.39 23.59 -19.46
CA THR A 217 8.22 23.72 -20.66
C THR A 217 9.67 23.46 -20.29
N THR A 218 10.37 22.68 -21.10
CA THR A 218 11.76 22.33 -20.81
C THR A 218 12.71 23.51 -20.94
N ASN A 219 13.69 23.58 -20.04
CA ASN A 219 14.74 24.59 -20.04
C ASN A 219 14.24 26.02 -20.26
N GLY A 223 19.74 25.68 -13.26
CA GLY A 223 19.50 24.81 -14.40
C GLY A 223 19.20 23.38 -13.97
N LYS A 224 18.64 23.24 -12.77
CA LYS A 224 18.30 21.93 -12.23
C LYS A 224 17.26 21.24 -13.09
N PRO A 225 17.29 19.89 -13.11
CA PRO A 225 16.27 19.10 -13.82
C PRO A 225 14.86 19.42 -13.34
N ASP A 226 13.92 19.52 -14.26
CA ASP A 226 12.55 19.85 -13.91
C ASP A 226 11.90 18.73 -13.10
N LYS A 227 11.13 19.11 -12.09
CA LYS A 227 10.45 18.13 -11.25
C LYS A 227 9.11 18.67 -10.77
N VAL A 228 8.12 17.79 -10.72
CA VAL A 228 6.76 18.19 -10.39
C VAL A 228 6.51 18.17 -8.89
N LEU A 229 6.89 17.07 -8.24
CA LEU A 229 6.55 16.86 -6.84
C LEU A 229 7.81 16.78 -5.98
N GLN A 230 7.75 17.31 -4.78
CA GLN A 230 8.95 17.44 -3.98
C GLN A 230 8.54 16.99 -2.59
N GLN A 231 9.38 16.17 -1.98
CA GLN A 231 9.00 15.44 -0.75
C GLN A 231 10.24 15.07 0.08
N ASN A 232 10.69 16.00 0.90
CA ASN A 232 11.94 15.81 1.62
C ASN A 232 11.77 15.14 2.98
N ALA A 233 10.59 15.26 3.55
CA ALA A 233 10.30 14.64 4.85
C ALA A 233 10.26 13.12 4.73
N LYS A 234 10.67 12.45 5.81
CA LYS A 234 10.55 11.01 5.91
C LYS A 234 9.22 10.68 6.59
N ASN A 235 8.82 9.42 6.55
CA ASN A 235 7.53 9.00 7.08
C ASN A 235 6.42 9.87 6.48
N SER A 236 6.56 10.13 5.19
CA SER A 236 5.66 11.02 4.47
C SER A 236 5.06 10.28 3.28
N HIS A 237 3.89 10.74 2.84
CA HIS A 237 3.17 10.07 1.76
C HIS A 237 2.51 11.07 0.83
N THR A 238 2.86 11.02 -0.45
CA THR A 238 2.17 11.81 -1.45
C THR A 238 1.27 10.91 -2.29
N ILE A 239 0.01 11.30 -2.40
CA ILE A 239 -0.98 10.55 -3.17
C ILE A 239 -1.45 11.37 -4.38
N VAL A 240 -1.43 10.75 -5.55
CA VAL A 240 -1.90 11.38 -6.78
C VAL A 240 -3.11 10.63 -7.33
N GLN A 241 -4.26 11.30 -7.39
CA GLN A 241 -5.49 10.64 -7.83
C GLN A 241 -6.36 11.57 -8.69
N GLY A 242 -7.53 11.08 -9.08
CA GLY A 242 -8.44 11.86 -9.89
C GLY A 242 -7.93 12.18 -11.28
N ASN A 243 -7.00 11.35 -11.76
CA ASN A 243 -6.39 11.51 -13.08
C ASN A 243 -5.72 12.86 -13.26
N PHE A 244 -4.98 13.28 -12.23
CA PHE A 244 -4.07 14.42 -12.31
C PHE A 244 -3.25 14.32 -13.59
N THR A 245 -3.20 15.41 -14.35
CA THR A 245 -2.65 15.36 -15.70
C THR A 245 -1.49 16.32 -15.92
N LEU A 246 -0.38 15.78 -16.44
CA LEU A 246 0.77 16.58 -16.83
C LEU A 246 0.71 16.87 -18.32
N THR A 247 0.91 18.13 -18.70
CA THR A 247 0.97 18.49 -20.10
C THR A 247 2.24 19.30 -20.40
N GLY A 248 2.65 19.30 -21.66
CA GLY A 248 3.87 19.95 -22.06
C GLY A 248 5.06 19.01 -21.97
N GLN A 249 6.22 19.57 -21.62
CA GLN A 249 7.44 18.79 -21.52
C GLN A 249 7.97 18.81 -20.09
N HIS A 250 8.05 17.63 -19.49
CA HIS A 250 8.40 17.51 -18.07
C HIS A 250 9.72 16.78 -17.85
N GLY A 251 10.26 16.92 -16.65
CA GLY A 251 11.46 16.21 -16.25
C GLY A 251 11.13 14.95 -15.50
N LYS A 252 10.99 15.08 -14.18
CA LYS A 252 10.59 13.97 -13.32
C LYS A 252 9.29 14.30 -12.61
N LEU A 253 8.45 13.30 -12.39
CA LEU A 253 7.27 13.53 -11.57
C LEU A 253 7.68 13.58 -10.10
N TRP A 254 8.54 12.65 -9.69
CA TRP A 254 8.80 12.43 -8.29
C TRP A 254 10.08 11.61 -8.09
N ARG A 255 10.97 12.10 -7.23
CA ARG A 255 12.19 11.37 -6.90
C ARG A 255 12.58 11.61 -5.45
N SER A 256 12.56 10.55 -4.65
CA SER A 256 13.09 10.61 -3.29
C SER A 256 14.57 10.96 -3.37
N CYS A 257 14.99 11.95 -2.59
CA CYS A 257 16.34 12.48 -2.71
C CYS A 257 17.41 11.39 -2.49
N GLY A 258 18.32 11.29 -3.43
CA GLY A 258 19.33 10.24 -3.40
C GLY A 258 20.55 10.56 -2.56
N ASP A 259 20.80 11.84 -2.34
CA ASP A 259 22.06 12.25 -1.71
C ASP A 259 21.93 13.44 -0.76
N CYS A 260 20.78 13.57 -0.12
CA CYS A 260 20.50 14.73 0.72
C CYS A 260 21.19 14.67 2.08
N THR A 261 21.32 15.84 2.70
CA THR A 261 21.78 15.93 4.09
C THR A 261 20.75 15.26 4.99
N ASN A 262 21.22 14.42 5.92
CA ASN A 262 20.33 13.65 6.80
C ASN A 262 19.34 12.84 5.97
N ASN A 263 19.86 12.17 4.94
CA ASN A 263 19.00 11.39 4.04
C ASN A 263 18.47 10.15 4.74
N GLY A 264 17.32 9.69 4.30
CA GLY A 264 16.70 8.50 4.87
C GLY A 264 15.28 8.36 4.38
N GLY A 265 14.57 7.37 4.92
CA GLY A 265 13.20 7.12 4.51
C GLY A 265 12.37 6.53 5.62
N PRO A 266 11.21 5.94 5.28
CA PRO A 266 10.72 5.83 3.90
C PRO A 266 10.03 7.10 3.42
N ARG A 267 10.17 7.39 2.13
CA ARG A 267 9.39 8.43 1.47
C ARG A 267 8.48 7.72 0.48
N ASN A 268 7.18 7.88 0.64
CA ASN A 268 6.23 7.08 -0.13
C ASN A 268 5.43 7.87 -1.16
N LEU A 269 5.18 7.25 -2.29
CA LEU A 269 4.35 7.81 -3.35
C LEU A 269 3.28 6.82 -3.77
N THR A 270 2.04 7.28 -3.88
CA THR A 270 1.01 6.44 -4.46
C THR A 270 0.32 7.17 -5.60
N ILE A 271 0.43 6.61 -6.80
CA ILE A 271 -0.30 7.14 -7.93
C ILE A 271 -1.54 6.29 -8.13
N ILE A 272 -2.68 6.81 -7.70
CA ILE A 272 -3.95 6.09 -7.88
C ILE A 272 -4.37 6.19 -9.34
N SER A 273 -4.27 7.40 -9.90
CA SER A 273 -4.52 7.61 -11.32
C SER A 273 -3.90 8.93 -11.78
N ALA A 274 -3.21 8.88 -12.91
CA ALA A 274 -2.58 10.07 -13.47
C ALA A 274 -2.37 9.89 -14.97
N THR A 275 -2.28 11.01 -15.69
CA THR A 275 -2.04 11.01 -17.12
C THR A 275 -0.90 11.94 -17.48
N VAL A 276 0.03 11.47 -18.30
CA VAL A 276 1.05 12.33 -18.87
C VAL A 276 0.78 12.53 -20.36
N ASN A 277 0.18 13.65 -20.71
CA ASN A 277 -0.06 13.98 -22.11
C ASN A 277 1.02 14.92 -22.62
N GLY A 278 2.20 14.35 -22.81
CA GLY A 278 3.35 15.11 -23.23
C GLY A 278 4.57 14.25 -23.05
N THR A 279 5.74 14.89 -22.92
CA THR A 279 6.97 14.15 -22.71
C THR A 279 7.44 14.26 -21.27
N ILE A 280 8.06 13.20 -20.77
CA ILE A 280 8.62 13.21 -19.44
C ILE A 280 9.82 12.26 -19.39
N ASP A 281 10.84 12.61 -18.62
CA ASP A 281 12.05 11.80 -18.56
C ASP A 281 11.85 10.56 -17.70
N SER A 282 11.14 10.70 -16.60
CA SER A 282 10.89 9.58 -15.71
C SER A 282 9.71 9.87 -14.78
N ILE A 283 9.15 8.82 -14.19
CA ILE A 283 8.02 8.98 -13.28
C ILE A 283 8.47 9.03 -11.84
N ALA A 284 8.86 7.88 -11.28
CA ALA A 284 9.17 7.81 -9.85
C ALA A 284 10.53 7.17 -9.58
N GLY A 285 11.31 7.79 -8.70
CA GLY A 285 12.58 7.23 -8.26
C GLY A 285 12.56 7.00 -6.77
N VAL A 286 12.90 5.78 -6.36
CA VAL A 286 12.84 5.41 -4.94
C VAL A 286 14.18 4.90 -4.43
N ASN A 287 14.49 5.19 -3.18
CA ASN A 287 15.67 4.63 -2.53
C ASN A 287 15.37 3.25 -1.95
N ARG A 288 15.96 2.23 -2.56
CA ARG A 288 15.71 0.84 -2.17
C ARG A 288 16.04 0.58 -0.71
N ASN A 289 17.15 1.14 -0.24
CA ASN A 289 17.64 0.86 1.10
C ASN A 289 16.90 1.62 2.21
N PHE A 290 16.22 2.71 1.85
CA PHE A 290 15.54 3.52 2.85
C PHE A 290 14.06 3.17 2.94
N GLY A 291 13.64 2.15 2.22
CA GLY A 291 12.29 1.61 2.36
C GLY A 291 11.21 2.34 1.59
N ASP A 292 11.61 3.27 0.73
CA ASP A 292 10.67 4.02 -0.12
C ASP A 292 9.77 3.09 -0.91
N VAL A 293 8.48 3.40 -0.96
CA VAL A 293 7.56 2.63 -1.76
C VAL A 293 6.81 3.52 -2.75
N ALA A 294 6.96 3.21 -4.03
CA ALA A 294 6.13 3.81 -5.07
C ALA A 294 5.07 2.81 -5.51
N GLU A 295 3.82 3.13 -5.22
CA GLU A 295 2.71 2.28 -5.65
C GLU A 295 1.95 2.97 -6.77
N ILE A 296 1.84 2.32 -7.91
CA ILE A 296 1.24 2.93 -9.09
C ILE A 296 0.15 2.05 -9.67
N ARG A 297 -1.06 2.59 -9.79
CA ARG A 297 -2.23 1.78 -10.15
C ARG A 297 -2.74 2.02 -11.56
N ASP A 298 -2.90 3.28 -11.93
CA ASP A 298 -3.55 3.62 -13.19
C ASP A 298 -2.84 4.80 -13.85
N LEU A 299 -1.72 4.51 -14.50
CA LEU A 299 -0.92 5.55 -15.13
C LEU A 299 -1.06 5.51 -16.65
N ARG A 300 -1.44 6.64 -17.24
CA ARG A 300 -1.57 6.75 -18.69
C ARG A 300 -0.52 7.70 -19.24
N ILE A 301 0.26 7.24 -20.21
CA ILE A 301 1.33 8.06 -20.77
C ILE A 301 1.26 8.11 -22.29
N LYS A 302 1.38 9.30 -22.85
CA LYS A 302 1.33 9.48 -24.30
C LYS A 302 2.48 8.74 -24.99
N GLY A 303 2.12 7.85 -25.91
CA GLY A 303 3.09 7.07 -26.67
C GLY A 303 3.98 6.21 -25.80
N TYR A 304 3.40 5.62 -24.75
CA TYR A 304 4.18 4.86 -23.79
C TYR A 304 4.79 3.60 -24.38
N LYS A 305 6.08 3.41 -24.11
CA LYS A 305 6.77 2.16 -24.39
C LYS A 305 7.63 1.85 -23.17
N GLU A 306 7.82 0.57 -22.87
CA GLU A 306 8.61 0.18 -21.70
C GLU A 306 10.02 0.76 -21.76
N GLY A 307 10.37 1.52 -20.72
CA GLY A 307 11.66 2.19 -20.67
C GLY A 307 11.59 3.60 -21.21
N LYS A 308 10.47 3.95 -21.84
CA LYS A 308 10.29 5.28 -22.41
C LYS A 308 8.91 5.84 -22.09
N PRO A 309 8.76 6.49 -20.93
CA PRO A 309 9.82 6.71 -19.94
C PRO A 309 9.92 5.56 -18.94
N PRO A 310 11.03 5.49 -18.21
CA PRO A 310 11.06 4.56 -17.06
C PRO A 310 10.01 4.96 -16.04
N VAL A 311 9.31 3.99 -15.48
CA VAL A 311 8.24 4.28 -14.55
C VAL A 311 8.75 4.34 -13.11
N CYS A 312 9.11 3.19 -12.55
CA CYS A 312 9.67 3.15 -11.20
C CYS A 312 11.12 2.72 -11.26
N GLU A 313 12.01 3.60 -10.82
CA GLU A 313 13.44 3.32 -10.80
C GLU A 313 13.95 3.24 -9.37
N GLU A 314 14.76 2.22 -9.10
CA GLU A 314 15.31 2.03 -7.78
C GLU A 314 16.73 2.57 -7.70
N PHE A 315 17.05 3.23 -6.59
CA PHE A 315 18.36 3.83 -6.36
C PHE A 315 18.93 3.38 -5.03
N ASN A 316 20.23 3.57 -4.84
CA ASN A 316 20.83 3.46 -3.52
C ASN A 316 20.95 4.84 -2.91
N GLY A 317 20.23 5.08 -1.82
CA GLY A 317 20.24 6.37 -1.17
C GLY A 317 21.44 6.52 -0.25
N VAL A 318 22.09 7.68 -0.30
CA VAL A 318 23.26 7.92 0.52
C VAL A 318 23.15 9.24 1.28
N GLU A 319 23.98 9.39 2.31
CA GLU A 319 24.12 10.65 3.02
C GLU A 319 24.99 11.59 2.19
N LYS A 320 24.64 12.88 2.18
CA LYS A 320 25.40 13.86 1.43
C LYS A 320 26.88 13.83 1.83
N GLY A 321 27.75 13.77 0.83
CA GLY A 321 29.18 13.74 1.08
C GLY A 321 29.74 12.33 1.20
N LYS A 322 28.88 11.34 0.99
CA LYS A 322 29.31 9.94 1.08
C LYS A 322 29.09 9.20 -0.23
N GLY A 323 29.58 9.80 -1.32
CA GLY A 323 29.50 9.19 -2.63
C GLY A 323 28.29 9.68 -3.40
N LYS A 324 28.00 9.01 -4.51
CA LYS A 324 26.83 9.34 -5.29
C LYS A 324 25.73 8.30 -5.05
N SER A 325 24.51 8.66 -5.43
CA SER A 325 23.41 7.71 -5.39
C SER A 325 23.38 6.95 -6.70
N ASP A 326 23.73 5.67 -6.65
CA ASP A 326 23.75 4.85 -7.86
C ASP A 326 22.33 4.47 -8.27
N LYS A 327 22.11 4.38 -9.58
CA LYS A 327 20.82 3.91 -10.10
C LYS A 327 20.87 2.41 -10.38
N TYR A 328 19.92 1.67 -9.85
CA TYR A 328 19.84 0.23 -10.12
C TYR A 328 19.10 -0.05 -11.42
N GLY A 329 18.18 0.84 -11.78
CA GLY A 329 17.41 0.70 -13.01
C GLY A 329 15.91 0.68 -12.77
N GLU A 330 15.16 0.28 -13.79
CA GLU A 330 13.72 0.21 -13.70
C GLU A 330 13.25 -1.14 -13.18
N PHE A 331 12.28 -1.13 -12.28
CA PHE A 331 11.79 -2.37 -11.68
C PHE A 331 10.27 -2.42 -11.60
N TRP A 332 9.76 -3.66 -11.60
CA TRP A 332 8.34 -3.93 -11.49
C TRP A 332 8.09 -4.98 -10.42
N ASP A 333 6.98 -4.83 -9.70
CA ASP A 333 6.55 -5.82 -8.70
C ASP A 333 7.61 -6.16 -7.66
N THR A 334 8.29 -5.13 -7.17
CA THR A 334 9.26 -5.31 -6.09
C THR A 334 8.75 -4.64 -4.82
N LYS A 335 9.49 -4.81 -3.72
CA LYS A 335 9.06 -4.24 -2.44
C LYS A 335 9.03 -2.72 -2.49
N ASN A 336 9.88 -2.12 -3.33
CA ASN A 336 9.94 -0.67 -3.44
C ASN A 336 9.15 -0.14 -4.64
N CYS A 337 9.05 -0.96 -5.69
CA CYS A 337 8.27 -0.57 -6.86
C CYS A 337 7.02 -1.42 -6.97
N LYS A 338 5.99 -1.02 -6.23
CA LYS A 338 4.71 -1.71 -6.28
C LYS A 338 3.91 -1.26 -7.50
N VAL A 339 4.39 -1.66 -8.66
CA VAL A 339 3.76 -1.35 -9.93
C VAL A 339 3.95 -2.53 -10.89
N SER A 340 2.87 -2.93 -11.56
CA SER A 340 2.95 -3.97 -12.56
C SER A 340 2.86 -3.36 -13.95
N ARG A 341 3.33 -4.07 -14.96
CA ARG A 341 3.29 -3.56 -16.33
C ARG A 341 1.87 -3.26 -16.78
N SER A 342 0.90 -3.94 -16.18
CA SER A 342 -0.51 -3.73 -16.51
C SER A 342 -1.04 -2.42 -15.94
N ASN A 343 -0.30 -1.83 -15.00
CA ASN A 343 -0.70 -0.57 -14.38
C ASN A 343 -0.35 0.64 -15.24
N VAL A 344 0.44 0.43 -16.29
CA VAL A 344 0.86 1.52 -17.15
C VAL A 344 0.43 1.26 -18.59
N LYS A 345 -0.29 2.20 -19.18
CA LYS A 345 -0.85 2.02 -20.50
C LYS A 345 -0.60 3.23 -21.40
N PRO A 346 -0.44 2.99 -22.70
CA PRO A 346 -0.11 4.06 -23.67
C PRO A 346 -1.26 5.02 -23.89
N LEU A 347 -1.01 6.01 -24.75
CA LEU A 347 -1.98 7.04 -25.06
C LEU A 347 -1.57 7.76 -26.34
N ASP B 22 10.55 6.81 12.49
CA ASP B 22 10.03 5.46 12.31
C ASP B 22 9.27 4.99 13.56
N ASP B 23 8.67 3.81 13.46
CA ASP B 23 7.95 3.24 14.59
C ASP B 23 7.88 1.71 14.51
N THR B 24 8.09 1.06 15.64
CA THR B 24 7.94 -0.39 15.72
C THR B 24 6.85 -0.74 16.72
N MET B 25 5.80 -1.41 16.24
CA MET B 25 4.72 -1.84 17.12
C MET B 25 4.93 -3.30 17.55
N LEU B 26 5.10 -3.49 18.86
CA LEU B 26 5.33 -4.83 19.40
C LEU B 26 4.08 -5.36 20.09
N MET B 27 3.73 -6.61 19.79
CA MET B 27 2.64 -7.30 20.46
C MET B 27 3.13 -8.65 20.95
N LEU B 28 2.44 -9.25 21.91
CA LEU B 28 2.82 -10.60 22.33
C LEU B 28 1.64 -11.53 22.55
N LEU B 29 1.96 -12.82 22.62
CA LEU B 29 0.99 -13.85 22.92
C LEU B 29 1.60 -14.83 23.90
N LYS B 30 1.08 -14.86 25.11
CA LYS B 30 1.55 -15.80 26.11
C LYS B 30 0.64 -17.02 26.12
N LYS B 31 1.11 -18.12 25.55
CA LYS B 31 0.29 -19.32 25.37
C LYS B 31 1.15 -20.52 25.02
N ASP B 32 0.64 -21.71 25.33
CA ASP B 32 1.36 -22.98 25.09
C ASP B 32 2.74 -23.02 25.74
N ASN B 33 2.82 -22.60 27.00
CA ASN B 33 4.06 -22.60 27.77
C ASN B 33 5.15 -21.73 27.14
N ALA B 34 4.74 -20.73 26.37
CA ALA B 34 5.70 -19.85 25.74
C ALA B 34 5.19 -18.42 25.72
N THR B 35 6.10 -17.49 25.50
CA THR B 35 5.72 -16.12 25.21
C THR B 35 6.20 -15.78 23.80
N TYR B 36 5.27 -15.42 22.93
CA TYR B 36 5.59 -15.11 21.55
C TYR B 36 5.58 -13.61 21.31
N LEU B 37 6.69 -13.08 20.82
CA LEU B 37 6.74 -11.69 20.39
C LEU B 37 6.46 -11.60 18.90
N SER B 38 5.74 -10.56 18.49
CA SER B 38 5.50 -10.32 17.07
C SER B 38 5.42 -8.81 16.85
N TRP B 39 6.06 -8.34 15.79
CA TRP B 39 6.12 -6.90 15.56
C TRP B 39 6.15 -6.50 14.10
N SER B 40 5.86 -5.23 13.86
CA SER B 40 6.00 -4.63 12.54
C SER B 40 6.80 -3.35 12.72
N THR B 41 7.57 -2.99 11.70
CA THR B 41 8.35 -1.77 11.77
C THR B 41 8.50 -1.13 10.39
N ASP B 42 8.59 0.19 10.36
CA ASP B 42 8.79 0.93 9.12
C ASP B 42 10.20 1.50 9.05
N ALA B 43 11.07 0.98 9.92
CA ALA B 43 12.47 1.39 9.94
C ALA B 43 13.18 0.90 8.69
N GLY B 44 13.93 1.80 8.05
CA GLY B 44 14.65 1.45 6.84
C GLY B 44 16.05 0.95 7.13
N ASN B 45 16.52 0.03 6.27
CA ASN B 45 17.89 -0.45 6.30
C ASN B 45 18.31 -1.07 7.64
N VAL B 46 17.48 -1.94 8.19
CA VAL B 46 17.82 -2.62 9.43
C VAL B 46 18.84 -3.73 9.17
N VAL B 47 19.81 -3.87 10.05
CA VAL B 47 20.85 -4.89 9.91
C VAL B 47 20.82 -5.86 11.09
N ARG B 48 20.17 -5.46 12.18
CA ARG B 48 20.10 -6.29 13.38
C ARG B 48 18.90 -5.90 14.23
N GLN B 49 18.36 -6.86 14.98
CA GLN B 49 17.26 -6.57 15.89
C GLN B 49 17.55 -7.19 17.26
N ASP B 50 17.34 -6.40 18.31
CA ASP B 50 17.63 -6.84 19.67
C ASP B 50 16.35 -6.97 20.50
N VAL B 51 16.24 -8.06 21.24
CA VAL B 51 15.08 -8.30 22.09
C VAL B 51 15.44 -8.07 23.56
N TYR B 52 14.65 -7.23 24.24
CA TYR B 52 14.85 -6.93 25.64
C TYR B 52 13.68 -7.41 26.49
N ARG B 53 13.97 -7.81 27.72
CA ARG B 53 12.95 -8.30 28.65
C ARG B 53 13.22 -7.76 30.05
N SER B 54 12.15 -7.36 30.75
CA SER B 54 12.27 -6.90 32.12
C SER B 54 11.17 -7.48 33.00
N THR B 55 11.46 -7.61 34.29
CA THR B 55 10.48 -8.09 35.25
C THR B 55 9.59 -6.94 35.71
N SER B 56 9.97 -5.72 35.33
CA SER B 56 9.18 -4.53 35.61
C SER B 56 8.95 -3.74 34.33
N SER B 57 8.23 -2.64 34.43
CA SER B 57 7.88 -1.83 33.27
C SER B 57 9.03 -0.89 32.85
N ALA B 58 10.09 -0.88 33.64
CA ALA B 58 11.22 0.02 33.39
C ALA B 58 12.26 -0.62 32.48
N GLN B 59 12.75 0.16 31.51
CA GLN B 59 13.78 -0.30 30.59
C GLN B 59 15.10 -0.54 31.30
N ALA B 60 15.33 0.18 32.40
CA ALA B 60 16.58 0.11 33.14
C ALA B 60 16.80 -1.29 33.72
N GLY B 61 15.71 -1.97 34.04
CA GLY B 61 15.80 -3.32 34.57
C GLY B 61 15.74 -4.36 33.48
N SER B 62 15.68 -3.91 32.23
CA SER B 62 15.59 -4.83 31.11
C SER B 62 16.95 -5.37 30.72
N GLU B 63 16.97 -6.65 30.34
CA GLU B 63 18.17 -7.30 29.87
C GLU B 63 17.96 -7.76 28.43
N LYS B 64 19.01 -7.71 27.63
CA LYS B 64 18.95 -8.19 26.26
C LYS B 64 18.96 -9.72 26.26
N ILE B 65 17.90 -10.33 25.73
CA ILE B 65 17.82 -11.79 25.75
C ILE B 65 18.00 -12.42 24.38
N ALA B 66 18.04 -11.60 23.32
CA ALA B 66 18.22 -12.15 21.98
C ALA B 66 18.75 -11.13 20.97
N GLU B 67 19.57 -11.64 20.07
CA GLU B 67 20.08 -10.88 18.95
C GLU B 67 19.62 -11.56 17.66
N LEU B 68 18.84 -10.86 16.85
CA LEU B 68 18.22 -11.48 15.68
C LEU B 68 18.72 -10.89 14.38
N ASN B 69 18.41 -11.56 13.28
CA ASN B 69 18.70 -11.06 11.94
C ASN B 69 17.82 -9.86 11.61
N SER B 70 17.88 -9.39 10.38
CA SER B 70 17.17 -8.17 10.01
C SER B 70 15.74 -8.43 9.56
N SER B 71 15.43 -9.66 9.19
CA SER B 71 14.16 -9.97 8.53
C SER B 71 13.08 -10.56 9.44
N ASP B 72 13.49 -11.17 10.54
CA ASP B 72 12.55 -11.74 11.49
C ASP B 72 11.58 -10.70 12.03
N ARG B 73 10.33 -11.10 12.24
CA ARG B 73 9.33 -10.21 12.81
C ARG B 73 8.63 -10.92 13.97
N THR B 74 9.19 -12.03 14.40
CA THR B 74 8.72 -12.73 15.60
C THR B 74 9.88 -13.21 16.45
N PHE B 75 9.56 -13.59 17.69
CA PHE B 75 10.51 -14.24 18.57
C PHE B 75 9.79 -15.07 19.62
N THR B 76 10.33 -16.25 19.91
CA THR B 76 9.75 -17.11 20.93
C THR B 76 10.63 -17.15 22.16
N ASP B 77 10.08 -16.69 23.29
CA ASP B 77 10.80 -16.73 24.55
C ASP B 77 10.39 -17.96 25.37
N LEU B 78 11.32 -18.90 25.50
CA LEU B 78 11.07 -20.12 26.27
C LEU B 78 11.79 -20.12 27.61
N THR B 79 12.42 -18.99 27.95
CA THR B 79 13.25 -18.92 29.14
C THR B 79 12.58 -18.17 30.29
N ALA B 80 11.47 -17.50 29.98
CA ALA B 80 10.76 -16.73 31.00
C ALA B 80 9.93 -17.64 31.90
N ASN B 81 9.87 -17.31 33.18
CA ASN B 81 9.04 -18.06 34.12
C ASN B 81 7.57 -17.85 33.81
N PRO B 82 6.84 -18.95 33.57
CA PRO B 82 5.43 -18.87 33.21
C PRO B 82 4.56 -18.27 34.31
N GLN B 83 5.03 -18.36 35.55
CA GLN B 83 4.27 -17.86 36.69
C GLN B 83 4.63 -16.42 37.04
N SER B 84 5.30 -15.74 36.11
CA SER B 84 5.68 -14.35 36.33
C SER B 84 5.32 -13.49 35.12
N ASP B 85 5.14 -12.20 35.35
CA ASP B 85 4.86 -11.26 34.28
C ASP B 85 6.12 -10.54 33.85
N TYR B 86 6.21 -10.22 32.57
CA TYR B 86 7.38 -9.54 32.03
C TYR B 86 6.96 -8.42 31.09
N TRP B 87 7.92 -7.53 30.82
CA TRP B 87 7.76 -6.49 29.81
C TRP B 87 8.81 -6.73 28.72
N TYR B 88 8.44 -6.47 27.47
CA TYR B 88 9.35 -6.70 26.34
C TYR B 88 9.51 -5.48 25.45
N TRP B 89 10.70 -5.36 24.85
CA TRP B 89 10.98 -4.35 23.84
C TRP B 89 11.75 -4.98 22.69
N VAL B 90 11.63 -4.40 21.50
CA VAL B 90 12.48 -4.80 20.38
C VAL B 90 13.19 -3.58 19.80
N ASP B 91 14.51 -3.65 19.75
CA ASP B 91 15.32 -2.62 19.11
C ASP B 91 15.61 -2.98 17.65
N THR B 92 15.47 -2.03 16.74
CA THR B 92 15.98 -2.22 15.39
C THR B 92 17.25 -1.38 15.24
N VAL B 93 18.29 -2.01 14.68
CA VAL B 93 19.55 -1.32 14.46
C VAL B 93 19.78 -1.17 12.96
N SER B 94 19.93 0.07 12.51
CA SER B 94 20.09 0.34 11.08
C SER B 94 21.57 0.35 10.68
N GLY B 95 21.81 0.49 9.38
CA GLY B 95 23.16 0.48 8.84
C GLY B 95 24.05 1.58 9.39
N ASN B 96 23.44 2.73 9.71
CA ASN B 96 24.18 3.85 10.26
C ASN B 96 24.18 3.84 11.80
N ASN B 97 24.03 2.63 12.35
CA ASN B 97 24.07 2.39 13.80
C ASN B 97 22.92 3.05 14.56
N SER B 98 21.97 3.62 13.83
CA SER B 98 20.79 4.23 14.44
C SER B 98 19.92 3.16 15.11
N VAL B 99 19.57 3.39 16.37
CA VAL B 99 18.80 2.42 17.13
C VAL B 99 17.38 2.91 17.45
N LEU B 100 16.39 2.10 17.11
CA LEU B 100 15.00 2.44 17.38
C LEU B 100 14.37 1.42 18.31
N LYS B 101 13.86 1.87 19.45
CA LYS B 101 13.21 0.97 20.39
C LYS B 101 11.69 0.98 20.24
N SER B 102 11.09 -0.19 20.29
CA SER B 102 9.66 -0.32 20.15
C SER B 102 8.93 0.12 21.41
N ASN B 103 7.60 0.09 21.36
CA ASN B 103 6.78 0.22 22.55
C ASN B 103 7.05 -0.94 23.49
N ALA B 104 6.79 -0.74 24.78
CA ALA B 104 6.85 -1.84 25.73
C ALA B 104 5.62 -2.74 25.55
N ALA B 105 5.83 -4.05 25.60
CA ALA B 105 4.73 -4.99 25.54
C ALA B 105 4.68 -5.82 26.81
N SER B 106 3.50 -5.85 27.43
CA SER B 106 3.33 -6.51 28.72
C SER B 106 2.60 -7.85 28.56
N THR B 107 3.02 -8.84 29.35
CA THR B 107 2.41 -10.16 29.30
C THR B 107 1.08 -10.19 30.02
N ALA B 108 0.76 -9.11 30.73
CA ALA B 108 -0.50 -9.00 31.43
C ALA B 108 -1.67 -9.11 30.46
N PRO B 109 -2.55 -10.10 30.68
CA PRO B 109 -3.74 -10.29 29.85
C PRO B 109 -4.66 -9.07 29.87
N ALA B 110 -4.59 -8.27 30.93
CA ALA B 110 -5.33 -7.02 31.13
C ALA B 110 -6.63 -6.91 30.34
N ALA B 119 -3.56 5.07 19.22
CA ALA B 119 -4.94 5.06 18.77
C ALA B 119 -5.11 4.30 17.47
N ALA B 120 -5.99 3.31 17.47
CA ALA B 120 -6.23 2.48 16.29
C ALA B 120 -6.93 3.27 15.18
N SER B 121 -6.68 2.88 13.94
CA SER B 121 -7.42 3.41 12.80
C SER B 121 -8.91 3.13 12.97
N PRO B 122 -9.76 4.11 12.65
CA PRO B 122 -11.20 3.96 12.79
C PRO B 122 -11.79 2.89 11.86
N GLU B 123 -11.01 2.46 10.87
CA GLU B 123 -11.47 1.45 9.94
C GLU B 123 -11.30 0.04 10.52
N CYS B 124 -10.53 -0.07 11.59
CA CYS B 124 -10.33 -1.34 12.27
C CYS B 124 -11.58 -1.75 13.04
N LYS B 125 -12.55 -2.30 12.31
CA LYS B 125 -13.78 -2.80 12.91
C LYS B 125 -14.00 -4.23 12.50
N ALA B 126 -14.58 -5.03 13.38
CA ALA B 126 -14.88 -6.42 13.06
C ALA B 126 -15.84 -6.49 11.86
N GLY B 127 -15.40 -7.15 10.79
CA GLY B 127 -16.21 -7.27 9.59
C GLY B 127 -15.95 -6.18 8.56
N ALA B 128 -14.94 -5.34 8.82
CA ALA B 128 -14.63 -4.23 7.93
C ALA B 128 -14.15 -4.70 6.56
N VAL B 129 -14.40 -3.89 5.55
CA VAL B 129 -13.83 -4.09 4.23
C VAL B 129 -12.88 -2.93 3.95
N ILE B 130 -11.60 -3.25 3.78
CA ILE B 130 -10.58 -2.22 3.62
C ILE B 130 -10.01 -2.25 2.20
N LYS B 131 -10.03 -1.11 1.53
CA LYS B 131 -9.70 -1.07 0.11
C LYS B 131 -8.61 -0.06 -0.22
N ASP B 132 -7.61 -0.53 -0.99
CA ASP B 132 -6.57 0.32 -1.57
C ASP B 132 -5.90 1.28 -0.58
N LYS B 133 -5.54 0.77 0.60
CA LYS B 133 -4.85 1.57 1.60
C LYS B 133 -4.17 0.69 2.65
N THR B 134 -3.35 1.32 3.48
CA THR B 134 -2.72 0.65 4.61
C THR B 134 -3.40 1.10 5.90
N VAL B 135 -3.76 0.13 6.75
CA VAL B 135 -4.46 0.43 7.98
C VAL B 135 -3.74 -0.16 9.18
N ASP B 136 -3.50 0.68 10.18
CA ASP B 136 -2.82 0.28 11.41
C ASP B 136 -3.81 0.20 12.57
N CYS B 137 -4.03 -1.02 13.07
CA CYS B 137 -5.03 -1.24 14.11
C CYS B 137 -4.49 -1.03 15.52
N GLY B 138 -3.23 -0.62 15.62
CA GLY B 138 -2.64 -0.26 16.90
C GLY B 138 -2.68 -1.32 17.98
N GLY B 139 -2.78 -2.58 17.57
CA GLY B 139 -2.72 -3.70 18.50
C GLY B 139 -4.02 -4.04 19.19
N ILE B 140 -5.15 -3.46 18.75
CA ILE B 140 -6.44 -3.78 19.35
C ILE B 140 -6.88 -5.19 18.98
N THR B 141 -7.92 -5.68 19.66
CA THR B 141 -8.51 -6.98 19.36
C THR B 141 -9.82 -6.82 18.61
N LEU B 142 -9.97 -7.55 17.51
CA LEU B 142 -11.24 -7.63 16.81
C LEU B 142 -11.72 -9.07 16.75
N GLY B 143 -13.03 -9.25 16.76
CA GLY B 143 -13.59 -10.59 16.66
C GLY B 143 -15.05 -10.55 16.28
N LEU B 144 -15.48 -11.62 15.62
CA LEU B 144 -16.90 -11.83 15.36
C LEU B 144 -17.35 -12.98 16.24
N SER B 145 -17.71 -14.09 15.61
CA SER B 145 -18.06 -15.30 16.34
C SER B 145 -17.32 -16.49 15.75
N CYS B 146 -17.61 -17.69 16.24
CA CYS B 146 -17.00 -18.89 15.69
C CYS B 146 -17.97 -20.07 15.74
N SER B 147 -18.47 -20.44 14.57
CA SER B 147 -19.35 -21.59 14.46
C SER B 147 -18.53 -22.87 14.41
N GLY B 148 -19.00 -23.90 15.09
CA GLY B 148 -18.35 -25.20 15.05
C GLY B 148 -18.60 -25.90 13.72
N ASP B 149 -19.48 -25.31 12.91
CA ASP B 149 -19.83 -25.84 11.60
C ASP B 149 -18.67 -25.72 10.61
N SER B 150 -18.92 -26.16 9.39
CA SER B 150 -17.91 -26.09 8.34
C SER B 150 -18.37 -25.19 7.19
N ASP B 151 -19.59 -24.67 7.31
CA ASP B 151 -20.11 -23.74 6.32
C ASP B 151 -19.34 -22.43 6.36
N LYS B 152 -19.53 -21.60 5.34
CA LYS B 152 -18.75 -20.39 5.19
C LYS B 152 -19.15 -19.29 6.17
N GLN B 153 -18.21 -18.92 7.04
CA GLN B 153 -18.40 -17.82 7.98
C GLN B 153 -17.78 -16.55 7.41
N PRO B 154 -18.25 -15.37 7.85
CA PRO B 154 -17.68 -14.12 7.32
C PRO B 154 -16.29 -13.84 7.88
N PRO B 155 -15.40 -13.27 7.04
CA PRO B 155 -14.07 -12.90 7.53
C PRO B 155 -14.14 -11.73 8.51
N VAL B 156 -13.27 -11.73 9.50
CA VAL B 156 -13.19 -10.61 10.44
C VAL B 156 -12.70 -9.36 9.71
N ILE B 157 -11.82 -9.57 8.74
CA ILE B 157 -11.29 -8.49 7.92
C ILE B 157 -11.23 -8.89 6.45
N THR B 158 -11.72 -8.02 5.57
CA THR B 158 -11.63 -8.24 4.14
C THR B 158 -10.71 -7.19 3.51
N LEU B 159 -9.70 -7.65 2.79
CA LEU B 159 -8.75 -6.74 2.16
C LEU B 159 -8.91 -6.74 0.65
N GLU B 160 -9.04 -5.54 0.07
CA GLU B 160 -9.06 -5.37 -1.37
C GLU B 160 -7.89 -4.50 -1.80
N ASN B 161 -6.82 -5.14 -2.26
CA ASN B 161 -5.57 -4.47 -2.58
C ASN B 161 -5.12 -3.57 -1.43
N ALA B 162 -5.17 -4.12 -0.22
CA ALA B 162 -4.91 -3.32 0.97
C ALA B 162 -4.00 -4.04 1.96
N THR B 163 -3.54 -3.29 2.96
CA THR B 163 -2.64 -3.80 3.99
C THR B 163 -3.24 -3.56 5.38
N ILE B 164 -3.19 -4.57 6.23
CA ILE B 164 -3.59 -4.40 7.62
C ILE B 164 -2.42 -4.75 8.54
N LYS B 165 -2.24 -3.96 9.59
CA LYS B 165 -1.11 -4.13 10.49
C LYS B 165 -1.53 -4.13 11.96
N ASN B 166 -0.76 -4.86 12.77
CA ASN B 166 -0.88 -4.81 14.23
C ASN B 166 -2.29 -5.09 14.73
N LEU B 167 -2.74 -6.33 14.55
CA LEU B 167 -4.11 -6.71 14.91
C LEU B 167 -4.15 -8.04 15.65
N ARG B 168 -5.02 -8.13 16.63
CA ARG B 168 -5.25 -9.38 17.35
C ARG B 168 -6.65 -9.90 17.06
N ILE B 169 -6.76 -11.15 16.62
CA ILE B 169 -8.06 -11.77 16.37
C ILE B 169 -8.46 -12.58 17.60
N SER B 170 -9.60 -12.23 18.18
CA SER B 170 -10.05 -12.83 19.44
C SER B 170 -10.20 -14.35 19.35
N GLU B 171 -10.01 -15.02 20.48
CA GLU B 171 -10.02 -16.48 20.50
C GLU B 171 -11.43 -17.05 20.31
N LYS B 172 -12.45 -16.25 20.59
CA LYS B 172 -13.82 -16.72 20.45
C LYS B 172 -14.51 -16.15 19.20
N GLY B 173 -13.81 -15.28 18.47
CA GLY B 173 -14.40 -14.65 17.30
C GLY B 173 -13.56 -14.74 16.04
N GLY B 174 -12.85 -15.85 15.88
CA GLY B 174 -11.97 -16.03 14.73
C GLY B 174 -12.70 -16.03 13.41
N SER B 175 -13.93 -16.54 13.40
CA SER B 175 -14.76 -16.62 12.20
C SER B 175 -13.98 -17.20 11.02
N ASP B 176 -13.87 -16.45 9.93
CA ASP B 176 -13.06 -16.91 8.81
C ASP B 176 -11.82 -16.04 8.60
N GLY B 177 -11.28 -15.52 9.70
CA GLY B 177 -10.02 -14.80 9.67
C GLY B 177 -9.96 -13.59 8.75
N ILE B 178 -8.88 -13.49 7.99
CA ILE B 178 -8.64 -12.36 7.10
C ILE B 178 -8.65 -12.81 5.64
N HIS B 179 -9.38 -12.09 4.80
CA HIS B 179 -9.47 -12.41 3.38
C HIS B 179 -8.73 -11.40 2.51
N CYS B 180 -7.90 -11.90 1.60
CA CYS B 180 -7.43 -11.08 0.49
C CYS B 180 -8.39 -11.32 -0.67
N LYS B 181 -9.37 -10.44 -0.81
CA LYS B 181 -10.43 -10.63 -1.79
C LYS B 181 -9.99 -10.30 -3.21
N SER B 182 -9.14 -9.29 -3.34
CA SER B 182 -8.65 -8.88 -4.66
C SER B 182 -7.35 -8.10 -4.55
N GLY B 183 -6.62 -8.03 -5.66
CA GLY B 183 -5.37 -7.29 -5.70
C GLY B 183 -4.29 -7.87 -4.81
N ASN B 184 -3.36 -7.03 -4.40
CA ASN B 184 -2.25 -7.46 -3.55
C ASN B 184 -2.46 -7.04 -2.09
N CYS B 185 -2.43 -8.03 -1.19
CA CYS B 185 -2.70 -7.77 0.22
C CYS B 185 -1.52 -8.10 1.12
N ARG B 186 -1.33 -7.28 2.15
CA ARG B 186 -0.31 -7.55 3.16
C ARG B 186 -0.96 -7.72 4.51
N ILE B 187 -0.53 -8.75 5.24
CA ILE B 187 -1.02 -9.00 6.59
C ILE B 187 0.16 -9.00 7.55
N GLU B 188 0.40 -7.84 8.18
CA GLU B 188 1.60 -7.63 8.98
C GLU B 188 1.33 -7.62 10.48
N ASN B 189 2.03 -8.48 11.20
CA ASN B 189 1.94 -8.56 12.65
C ASN B 189 0.50 -8.73 13.13
N VAL B 190 -0.11 -9.82 12.71
CA VAL B 190 -1.43 -10.21 13.22
C VAL B 190 -1.29 -11.43 14.11
N ILE B 191 -1.95 -11.41 15.26
CA ILE B 191 -1.96 -12.56 16.16
C ILE B 191 -3.35 -13.18 16.18
N TRP B 192 -3.45 -14.42 15.70
CA TRP B 192 -4.68 -15.20 15.81
C TRP B 192 -4.68 -15.96 17.12
N GLU B 193 -5.43 -15.48 18.11
CA GLU B 193 -5.47 -16.12 19.42
C GLU B 193 -6.01 -17.54 19.33
N ASP B 194 -6.89 -17.78 18.37
CA ASP B 194 -7.45 -19.11 18.13
C ASP B 194 -8.13 -19.15 16.77
N ILE B 195 -7.50 -19.87 15.84
CA ILE B 195 -8.05 -19.99 14.49
C ILE B 195 -9.40 -20.70 14.53
N CYS B 196 -10.40 -20.08 13.92
CA CYS B 196 -11.72 -20.69 13.83
C CYS B 196 -11.80 -21.53 12.56
N GLU B 197 -12.25 -20.93 11.47
CA GLU B 197 -12.33 -21.63 10.18
C GLU B 197 -10.99 -21.56 9.46
N ASP B 198 -10.65 -20.39 8.95
CA ASP B 198 -9.34 -20.14 8.35
C ASP B 198 -8.65 -18.98 9.05
N ALA B 199 -7.32 -18.91 8.96
CA ALA B 199 -6.59 -17.75 9.47
C ALA B 199 -6.53 -16.67 8.40
N ALA B 200 -6.08 -17.06 7.20
CA ALA B 200 -6.00 -16.14 6.08
C ALA B 200 -6.34 -16.84 4.77
N THR B 201 -7.10 -16.16 3.91
CA THR B 201 -7.52 -16.74 2.64
C THR B 201 -7.19 -15.82 1.47
N ASN B 202 -6.48 -16.35 0.47
CA ASN B 202 -6.09 -15.55 -0.69
C ASN B 202 -6.99 -15.79 -1.88
N LEU B 203 -7.86 -14.82 -2.15
CA LEU B 203 -8.74 -14.84 -3.31
C LEU B 203 -8.30 -13.84 -4.36
N GLY B 204 -7.16 -13.20 -4.13
CA GLY B 204 -6.67 -12.17 -5.02
C GLY B 204 -5.41 -12.55 -5.76
N LYS B 205 -4.48 -11.61 -5.87
CA LYS B 205 -3.20 -11.88 -6.52
C LYS B 205 -2.17 -12.34 -5.50
N THR B 206 -1.35 -11.42 -5.02
CA THR B 206 -0.33 -11.76 -4.04
C THR B 206 -0.73 -11.37 -2.62
N MET B 207 -0.76 -12.35 -1.73
CA MET B 207 -1.04 -12.12 -0.32
C MET B 207 0.21 -12.39 0.51
N THR B 208 0.71 -11.36 1.19
CA THR B 208 1.95 -11.50 1.93
C THR B 208 1.73 -11.43 3.43
N ILE B 209 2.14 -12.47 4.14
CA ILE B 209 2.04 -12.50 5.59
C ILE B 209 3.41 -12.21 6.20
N VAL B 210 3.49 -11.11 6.95
CA VAL B 210 4.76 -10.66 7.50
C VAL B 210 4.78 -10.79 9.02
N GLY B 211 5.52 -11.79 9.51
CA GLY B 211 5.52 -12.09 10.94
C GLY B 211 4.13 -12.55 11.37
N GLY B 212 3.81 -12.35 12.64
CA GLY B 212 2.53 -12.78 13.17
C GLY B 212 2.61 -14.13 13.86
N VAL B 213 1.59 -14.41 14.67
CA VAL B 213 1.51 -15.68 15.39
C VAL B 213 0.09 -16.22 15.30
N ALA B 214 -0.05 -17.50 14.97
CA ALA B 214 -1.37 -18.14 14.89
C ALA B 214 -1.45 -19.35 15.80
N HIS B 215 -2.37 -19.29 16.75
CA HIS B 215 -2.58 -20.38 17.68
C HIS B 215 -3.82 -21.19 17.30
N ASN B 216 -3.76 -22.50 17.55
CA ASN B 216 -4.93 -23.34 17.35
C ASN B 216 -4.90 -24.53 18.29
N THR B 217 -6.09 -25.01 18.63
CA THR B 217 -6.23 -26.19 19.46
C THR B 217 -7.07 -27.24 18.74
N THR B 218 -6.84 -28.50 19.05
CA THR B 218 -7.59 -29.59 18.44
C THR B 218 -8.93 -29.78 19.15
N ASN B 219 -9.13 -29.01 20.21
CA ASN B 219 -10.30 -29.18 21.07
C ASN B 219 -11.12 -27.90 21.22
N GLY B 220 -10.60 -26.79 20.71
CA GLY B 220 -11.23 -25.50 20.91
C GLY B 220 -12.17 -25.07 19.80
N PRO B 221 -12.44 -23.75 19.71
CA PRO B 221 -13.36 -23.13 18.77
C PRO B 221 -13.01 -23.39 17.30
N GLY B 222 -13.90 -24.08 16.59
CA GLY B 222 -13.68 -24.37 15.18
C GLY B 222 -13.56 -25.85 14.89
N GLY B 223 -13.70 -26.67 15.92
CA GLY B 223 -13.59 -28.11 15.77
C GLY B 223 -12.17 -28.55 15.57
N LYS B 224 -11.99 -29.69 14.89
CA LYS B 224 -10.66 -30.21 14.59
C LYS B 224 -9.90 -29.23 13.69
N PRO B 225 -8.59 -29.06 13.95
CA PRO B 225 -7.77 -28.13 13.18
C PRO B 225 -7.74 -28.50 11.71
N ASP B 226 -8.31 -27.66 10.86
CA ASP B 226 -8.32 -27.95 9.44
C ASP B 226 -7.15 -27.24 8.77
N LYS B 227 -7.32 -25.95 8.51
CA LYS B 227 -6.36 -25.26 7.68
C LYS B 227 -6.09 -23.83 8.14
N VAL B 228 -4.85 -23.40 7.93
CA VAL B 228 -4.40 -22.06 8.28
C VAL B 228 -4.61 -21.12 7.10
N LEU B 229 -3.95 -21.45 5.98
CA LEU B 229 -3.97 -20.61 4.80
C LEU B 229 -4.74 -21.25 3.66
N GLN B 230 -5.67 -20.48 3.08
CA GLN B 230 -6.53 -20.94 1.99
C GLN B 230 -6.23 -20.15 0.72
N GLN B 231 -6.22 -20.83 -0.42
CA GLN B 231 -5.95 -20.17 -1.70
C GLN B 231 -6.84 -20.72 -2.81
N ASN B 232 -7.67 -19.87 -3.39
CA ASN B 232 -8.69 -20.32 -4.34
C ASN B 232 -8.61 -19.67 -5.73
N ALA B 233 -7.97 -18.51 -5.82
CA ALA B 233 -7.90 -17.79 -7.09
C ALA B 233 -6.80 -18.34 -8.00
N LYS B 234 -7.00 -18.24 -9.31
CA LYS B 234 -5.99 -18.65 -10.28
C LYS B 234 -4.93 -17.57 -10.43
N ASN B 235 -3.72 -17.98 -10.76
CA ASN B 235 -2.57 -17.08 -10.83
C ASN B 235 -2.46 -16.25 -9.56
N SER B 236 -2.45 -16.95 -8.43
CA SER B 236 -2.35 -16.31 -7.12
C SER B 236 -1.07 -16.76 -6.43
N HIS B 237 -0.66 -15.98 -5.44
CA HIS B 237 0.60 -16.24 -4.75
C HIS B 237 0.48 -15.82 -3.30
N THR B 238 0.76 -16.74 -2.38
CA THR B 238 0.85 -16.40 -0.97
C THR B 238 2.29 -16.49 -0.52
N ILE B 239 2.78 -15.41 0.07
CA ILE B 239 4.14 -15.36 0.57
C ILE B 239 4.13 -15.27 2.10
N VAL B 240 4.90 -16.15 2.73
CA VAL B 240 5.00 -16.17 4.19
C VAL B 240 6.42 -15.81 4.60
N GLN B 241 6.57 -14.70 5.33
CA GLN B 241 7.89 -14.23 5.71
C GLN B 241 7.92 -13.65 7.12
N GLY B 242 9.10 -13.21 7.55
CA GLY B 242 9.26 -12.61 8.86
C GLY B 242 9.08 -13.61 10.00
N ASN B 243 9.31 -14.89 9.70
CA ASN B 243 9.19 -15.98 10.67
C ASN B 243 7.81 -16.03 11.33
N PHE B 244 6.78 -15.93 10.50
CA PHE B 244 5.41 -16.22 10.90
C PHE B 244 5.39 -17.54 11.66
N THR B 245 4.76 -17.54 12.84
CA THR B 245 4.86 -18.67 13.75
C THR B 245 3.52 -19.32 14.10
N LEU B 246 3.45 -20.64 13.96
CA LEU B 246 2.30 -21.42 14.38
C LEU B 246 2.53 -22.03 15.75
N THR B 247 1.53 -21.93 16.61
CA THR B 247 1.62 -22.44 17.97
C THR B 247 0.42 -23.33 18.27
N GLY B 248 0.61 -24.34 19.13
CA GLY B 248 -0.48 -25.25 19.46
C GLY B 248 -0.56 -26.42 18.50
N GLN B 249 -1.79 -26.85 18.19
CA GLN B 249 -1.99 -28.00 17.30
C GLN B 249 -2.71 -27.58 16.03
N HIS B 250 -2.08 -27.85 14.89
CA HIS B 250 -2.59 -27.40 13.59
C HIS B 250 -2.83 -28.54 12.62
N GLY B 251 -3.62 -28.26 11.58
CA GLY B 251 -3.90 -29.24 10.55
C GLY B 251 -2.99 -29.08 9.34
N LYS B 252 -3.43 -28.26 8.40
CA LYS B 252 -2.66 -28.00 7.19
C LYS B 252 -2.29 -26.52 7.11
N LEU B 253 -1.01 -26.22 6.90
CA LEU B 253 -0.58 -24.84 6.82
C LEU B 253 -1.11 -24.16 5.56
N TRP B 254 -0.95 -24.83 4.41
CA TRP B 254 -1.39 -24.26 3.15
C TRP B 254 -1.91 -25.32 2.20
N ARG B 255 -3.02 -25.02 1.52
CA ARG B 255 -3.55 -25.92 0.51
C ARG B 255 -4.16 -25.13 -0.65
N SER B 256 -3.68 -25.43 -1.85
CA SER B 256 -4.35 -24.98 -3.05
C SER B 256 -5.63 -25.77 -3.19
N CYS B 257 -6.74 -25.07 -3.36
CA CYS B 257 -8.07 -25.68 -3.34
C CYS B 257 -8.15 -26.94 -4.21
N GLY B 258 -8.49 -28.06 -3.57
CA GLY B 258 -8.48 -29.35 -4.25
C GLY B 258 -9.69 -29.63 -5.12
N ASP B 259 -10.81 -28.99 -4.82
CA ASP B 259 -12.06 -29.30 -5.51
C ASP B 259 -13.00 -28.10 -5.66
N CYS B 260 -12.47 -26.93 -5.96
CA CYS B 260 -13.28 -25.73 -6.13
C CYS B 260 -14.08 -25.75 -7.43
N THR B 261 -15.05 -24.86 -7.52
CA THR B 261 -15.78 -24.66 -8.78
C THR B 261 -14.86 -23.92 -9.74
N ASN B 262 -14.85 -24.35 -11.00
CA ASN B 262 -13.92 -23.81 -11.99
C ASN B 262 -12.49 -23.88 -11.48
N ASN B 263 -12.15 -25.02 -10.89
CA ASN B 263 -10.83 -25.23 -10.31
C ASN B 263 -9.74 -25.19 -11.37
N GLY B 264 -8.57 -24.69 -10.99
CA GLY B 264 -7.44 -24.58 -11.90
C GLY B 264 -6.28 -23.92 -11.20
N GLY B 265 -5.27 -23.53 -11.96
CA GLY B 265 -4.09 -22.88 -11.40
C GLY B 265 -3.42 -21.93 -12.37
N PRO B 266 -2.17 -21.55 -12.08
CA PRO B 266 -1.40 -22.00 -10.91
C PRO B 266 -1.74 -21.25 -9.63
N ARG B 267 -1.62 -21.95 -8.50
CA ARG B 267 -1.71 -21.31 -7.20
C ARG B 267 -0.41 -21.54 -6.47
N ASN B 268 0.32 -20.47 -6.20
CA ASN B 268 1.68 -20.60 -5.70
C ASN B 268 1.86 -20.23 -4.23
N LEU B 269 2.82 -20.88 -3.59
CA LEU B 269 3.18 -20.58 -2.21
C LEU B 269 4.69 -20.40 -2.09
N THR B 270 5.10 -19.33 -1.43
CA THR B 270 6.50 -19.18 -1.08
C THR B 270 6.63 -18.97 0.42
N ILE B 271 7.21 -19.95 1.11
CA ILE B 271 7.58 -19.79 2.50
C ILE B 271 9.01 -19.28 2.57
N ILE B 272 9.17 -17.98 2.79
CA ILE B 272 10.49 -17.41 2.95
C ILE B 272 11.04 -17.77 4.34
N SER B 273 10.19 -17.59 5.35
CA SER B 273 10.58 -17.88 6.72
C SER B 273 9.35 -18.14 7.58
N ALA B 274 9.30 -19.33 8.19
CA ALA B 274 8.18 -19.69 9.06
C ALA B 274 8.59 -20.74 10.10
N THR B 275 7.90 -20.73 11.23
CA THR B 275 8.19 -21.67 12.32
C THR B 275 6.92 -22.33 12.84
N VAL B 276 6.96 -23.64 13.03
CA VAL B 276 5.86 -24.34 13.70
C VAL B 276 6.32 -24.81 15.09
N ASN B 277 5.93 -24.07 16.12
CA ASN B 277 6.19 -24.47 17.49
C ASN B 277 4.98 -25.20 18.06
N GLY B 278 4.78 -26.41 17.57
CA GLY B 278 3.64 -27.21 17.97
C GLY B 278 3.56 -28.38 17.02
N THR B 279 2.37 -28.92 16.84
CA THR B 279 2.17 -30.04 15.92
C THR B 279 1.37 -29.59 14.71
N ILE B 280 1.55 -30.28 13.59
CA ILE B 280 0.85 -29.96 12.36
C ILE B 280 0.81 -31.20 11.48
N ASP B 281 -0.26 -31.39 10.73
CA ASP B 281 -0.42 -32.60 9.94
C ASP B 281 0.38 -32.55 8.64
N SER B 282 0.42 -31.37 8.02
CA SER B 282 1.18 -31.17 6.78
C SER B 282 1.41 -29.69 6.53
N ILE B 283 2.35 -29.38 5.65
CA ILE B 283 2.71 -27.99 5.38
C ILE B 283 2.04 -27.42 4.13
N ALA B 284 2.29 -28.03 2.97
CA ALA B 284 1.75 -27.49 1.74
C ALA B 284 1.16 -28.58 0.83
N GLY B 285 -0.02 -28.31 0.30
CA GLY B 285 -0.64 -29.20 -0.67
C GLY B 285 -0.83 -28.50 -2.00
N VAL B 286 -0.16 -29.01 -3.03
CA VAL B 286 -0.23 -28.41 -4.37
C VAL B 286 -0.93 -29.31 -5.37
N ASN B 287 -1.65 -28.71 -6.31
CA ASN B 287 -2.26 -29.47 -7.41
C ASN B 287 -1.26 -29.60 -8.55
N ARG B 288 -0.69 -30.80 -8.68
CA ARG B 288 0.32 -31.09 -9.69
C ARG B 288 -0.13 -30.73 -11.10
N ASN B 289 -1.38 -31.04 -11.43
CA ASN B 289 -1.90 -30.86 -12.78
C ASN B 289 -2.24 -29.40 -13.11
N PHE B 290 -2.35 -28.56 -12.09
CA PHE B 290 -2.73 -27.16 -12.32
C PHE B 290 -1.52 -26.21 -12.21
N GLY B 291 -0.32 -26.78 -12.07
CA GLY B 291 0.90 -26.00 -12.12
C GLY B 291 1.29 -25.26 -10.85
N ASP B 292 0.65 -25.61 -9.73
CA ASP B 292 1.00 -25.01 -8.45
C ASP B 292 2.46 -25.25 -8.08
N VAL B 293 3.14 -24.22 -7.59
CA VAL B 293 4.48 -24.41 -7.07
C VAL B 293 4.58 -23.92 -5.62
N ALA B 294 5.03 -24.81 -4.75
CA ALA B 294 5.28 -24.44 -3.36
C ALA B 294 6.78 -24.36 -3.15
N GLU B 295 7.28 -23.13 -3.02
CA GLU B 295 8.69 -22.91 -2.75
C GLU B 295 8.90 -22.67 -1.25
N ILE B 296 9.74 -23.49 -0.64
CA ILE B 296 9.98 -23.38 0.80
C ILE B 296 11.47 -23.21 1.06
N ARG B 297 11.82 -22.07 1.65
CA ARG B 297 13.22 -21.68 1.79
C ARG B 297 13.78 -21.93 3.19
N ASP B 298 13.01 -21.54 4.21
CA ASP B 298 13.48 -21.66 5.59
C ASP B 298 12.32 -21.98 6.52
N LEU B 299 12.11 -23.27 6.77
CA LEU B 299 11.03 -23.73 7.63
C LEU B 299 11.58 -24.50 8.83
N ARG B 300 11.17 -24.08 10.03
CA ARG B 300 11.57 -24.77 11.25
C ARG B 300 10.35 -25.42 11.88
N ILE B 301 10.48 -26.68 12.27
CA ILE B 301 9.36 -27.43 12.87
C ILE B 301 9.81 -28.14 14.14
N LYS B 302 9.06 -27.95 15.23
CA LYS B 302 9.37 -28.59 16.50
C LYS B 302 9.49 -30.10 16.36
N GLY B 303 10.65 -30.64 16.73
CA GLY B 303 10.89 -32.07 16.69
C GLY B 303 10.74 -32.68 15.31
N TYR B 304 11.14 -31.93 14.28
CA TYR B 304 10.95 -32.38 12.91
C TYR B 304 11.76 -33.63 12.56
N LYS B 305 11.09 -34.55 11.88
CA LYS B 305 11.75 -35.68 11.23
C LYS B 305 11.09 -35.84 9.86
N GLU B 306 11.80 -36.39 8.88
CA GLU B 306 11.23 -36.54 7.55
C GLU B 306 9.96 -37.40 7.62
N GLY B 307 8.89 -36.90 7.03
CA GLY B 307 7.60 -37.57 7.09
C GLY B 307 6.83 -37.21 8.35
N LYS B 308 7.49 -36.48 9.25
CA LYS B 308 6.89 -36.10 10.52
C LYS B 308 7.08 -34.60 10.81
N PRO B 309 6.26 -33.75 10.19
CA PRO B 309 5.17 -34.07 9.26
C PRO B 309 5.63 -34.08 7.81
N PRO B 310 4.80 -34.60 6.89
CA PRO B 310 5.07 -34.39 5.46
C PRO B 310 5.02 -32.90 5.16
N VAL B 311 5.94 -32.42 4.32
CA VAL B 311 6.06 -30.99 4.07
C VAL B 311 5.28 -30.61 2.81
N CYS B 312 5.84 -30.89 1.64
CA CYS B 312 5.13 -30.60 0.40
C CYS B 312 4.48 -31.85 -0.17
N GLU B 313 3.15 -31.85 -0.26
CA GLU B 313 2.43 -32.98 -0.83
C GLU B 313 1.75 -32.60 -2.13
N GLU B 314 1.89 -33.46 -3.13
CA GLU B 314 1.28 -33.22 -4.44
C GLU B 314 -0.07 -33.92 -4.57
N PHE B 315 -1.03 -33.20 -5.12
CA PHE B 315 -2.39 -33.71 -5.30
C PHE B 315 -2.80 -33.61 -6.77
N ASN B 316 -3.88 -34.31 -7.12
CA ASN B 316 -4.55 -34.08 -8.39
C ASN B 316 -5.76 -33.18 -8.14
N GLY B 317 -5.73 -31.98 -8.70
CA GLY B 317 -6.83 -31.04 -8.52
C GLY B 317 -8.00 -31.39 -9.41
N VAL B 318 -9.21 -31.35 -8.86
CA VAL B 318 -10.40 -31.68 -9.66
C VAL B 318 -11.46 -30.59 -9.61
N GLU B 319 -12.38 -30.65 -10.56
CA GLU B 319 -13.53 -29.77 -10.59
C GLU B 319 -14.54 -30.21 -9.53
N LYS B 320 -15.18 -29.24 -8.87
CA LYS B 320 -16.16 -29.55 -7.83
C LYS B 320 -17.25 -30.48 -8.33
N GLY B 321 -17.50 -31.54 -7.57
CA GLY B 321 -18.53 -32.51 -7.90
C GLY B 321 -18.06 -33.65 -8.77
N LYS B 322 -16.83 -33.53 -9.29
CA LYS B 322 -16.30 -34.55 -10.18
C LYS B 322 -15.19 -35.37 -9.52
N GLY B 323 -15.53 -36.00 -8.40
CA GLY B 323 -14.62 -36.92 -7.75
C GLY B 323 -13.73 -36.28 -6.70
N LYS B 324 -12.85 -37.09 -6.11
CA LYS B 324 -11.95 -36.63 -5.06
C LYS B 324 -10.66 -36.05 -5.63
N SER B 325 -10.00 -35.24 -4.83
CA SER B 325 -8.64 -34.81 -5.15
C SER B 325 -7.66 -35.78 -4.51
N ASP B 326 -7.16 -36.72 -5.31
CA ASP B 326 -6.27 -37.74 -4.79
C ASP B 326 -4.93 -37.16 -4.37
N LYS B 327 -4.32 -37.76 -3.36
CA LYS B 327 -3.00 -37.36 -2.91
C LYS B 327 -1.94 -38.30 -3.45
N TYR B 328 -0.92 -37.73 -4.10
CA TYR B 328 0.18 -38.54 -4.61
C TYR B 328 1.21 -38.84 -3.52
N GLY B 329 1.33 -37.94 -2.55
CA GLY B 329 2.29 -38.12 -1.47
C GLY B 329 3.23 -36.95 -1.32
N GLU B 330 4.24 -37.11 -0.47
CA GLU B 330 5.21 -36.05 -0.20
C GLU B 330 6.34 -36.05 -1.24
N PHE B 331 6.71 -34.86 -1.70
CA PHE B 331 7.78 -34.76 -2.70
C PHE B 331 8.81 -33.68 -2.37
N TRP B 332 10.01 -33.87 -2.91
CA TRP B 332 11.11 -32.95 -2.73
C TRP B 332 11.75 -32.64 -4.08
N ASP B 333 12.13 -31.39 -4.30
CA ASP B 333 12.86 -30.96 -5.49
C ASP B 333 12.16 -31.36 -6.79
N THR B 334 10.87 -31.08 -6.86
CA THR B 334 10.10 -31.32 -8.10
C THR B 334 9.58 -30.00 -8.63
N LYS B 335 8.95 -30.05 -9.81
CA LYS B 335 8.42 -28.84 -10.43
C LYS B 335 7.39 -28.14 -9.55
N ASN B 336 6.60 -28.93 -8.83
CA ASN B 336 5.54 -28.38 -7.99
C ASN B 336 5.96 -28.21 -6.54
N CYS B 337 6.93 -29.00 -6.09
CA CYS B 337 7.46 -28.89 -4.74
C CYS B 337 8.90 -28.41 -4.77
N LYS B 338 9.06 -27.10 -4.86
CA LYS B 338 10.39 -26.49 -4.87
C LYS B 338 10.90 -26.37 -3.45
N VAL B 339 11.26 -27.51 -2.86
CA VAL B 339 11.78 -27.55 -1.50
C VAL B 339 12.76 -28.71 -1.36
N SER B 340 13.90 -28.44 -0.74
CA SER B 340 14.88 -29.48 -0.48
C SER B 340 14.86 -29.84 1.00
N ARG B 341 15.43 -31.00 1.34
CA ARG B 341 15.42 -31.46 2.72
C ARG B 341 16.24 -30.51 3.61
N SER B 342 17.16 -29.77 3.01
CA SER B 342 17.96 -28.80 3.74
C SER B 342 17.17 -27.54 4.08
N ASN B 343 16.03 -27.35 3.43
CA ASN B 343 15.17 -26.19 3.67
C ASN B 343 14.29 -26.36 4.89
N VAL B 344 14.18 -27.59 5.38
CA VAL B 344 13.34 -27.88 6.52
C VAL B 344 14.19 -28.47 7.64
N LYS B 345 14.14 -27.86 8.82
CA LYS B 345 14.97 -28.27 9.93
C LYS B 345 14.21 -28.33 11.25
N PRO B 346 14.70 -29.13 12.21
CA PRO B 346 14.12 -29.12 13.56
C PRO B 346 14.25 -27.75 14.20
N LEU B 347 13.25 -27.36 14.99
CA LEU B 347 13.28 -26.08 15.68
C LEU B 347 14.29 -26.13 16.81
CA CA C . -9.56 -23.49 17.11
#